data_4NJV
#
_entry.id   4NJV
#
_cell.length_a   45.952
_cell.length_b   58.219
_cell.length_c   86.866
_cell.angle_alpha   90.00
_cell.angle_beta   90.02
_cell.angle_gamma   90.00
#
_symmetry.space_group_name_H-M   'P 1 21 1'
#
loop_
_entity.id
_entity.type
_entity.pdbx_description
1 polymer Protease
2 non-polymer RITONAVIR
3 water water
#
_entity_poly.entity_id   1
_entity_poly.type   'polypeptide(L)'
_entity_poly.pdbx_seq_one_letter_code
;PQITLWQRPIVTIKVGGQLKEALLDTGADDTVLEDMELPGRWKPRMIGGIGGFVKVRQYDQIPIEICGHKVIGTVLVGPT
PTNIIGRNLMTQLGFTLNF
;
_entity_poly.pdbx_strand_id   A,B,C,D
#
loop_
_chem_comp.id
_chem_comp.type
_chem_comp.name
_chem_comp.formula
RIT peptide-like RITONAVIR 'C37 H48 N6 O5 S2'
#
# COMPACT_ATOMS: atom_id res chain seq x y z
N PRO A 1 1.86 -0.74 0.73
CA PRO A 1 3.32 -0.82 0.94
C PRO A 1 4.06 -1.44 -0.23
N GLN A 2 5.38 -1.43 -0.12
CA GLN A 2 6.26 -1.84 -1.19
C GLN A 2 7.08 -3.01 -0.70
N ILE A 3 7.13 -4.09 -1.46
CA ILE A 3 7.96 -5.22 -1.05
C ILE A 3 9.16 -5.31 -1.98
N THR A 4 10.34 -5.31 -1.37
CA THR A 4 11.64 -5.38 -2.02
C THR A 4 11.89 -6.78 -2.56
N LEU A 5 12.72 -6.92 -3.60
CA LEU A 5 13.07 -8.25 -4.12
C LEU A 5 14.52 -8.67 -3.82
N TRP A 6 15.19 -7.97 -2.91
CA TRP A 6 16.52 -8.37 -2.49
C TRP A 6 16.49 -9.71 -1.76
N GLN A 7 15.36 -10.02 -1.11
CA GLN A 7 15.15 -11.35 -0.53
C GLN A 7 13.87 -11.94 -1.09
N ARG A 8 13.68 -13.25 -0.86
CA ARG A 8 12.42 -13.90 -1.25
C ARG A 8 11.24 -13.18 -0.57
N PRO A 9 10.21 -12.81 -1.36
CA PRO A 9 9.07 -12.08 -0.79
C PRO A 9 8.09 -13.03 -0.10
N ILE A 10 8.38 -13.35 1.15
CA ILE A 10 7.61 -14.34 1.88
C ILE A 10 6.66 -13.63 2.82
N VAL A 11 5.41 -14.08 2.87
CA VAL A 11 4.38 -13.47 3.72
C VAL A 11 3.64 -14.50 4.54
N THR A 12 2.93 -14.05 5.59
CA THR A 12 2.12 -14.97 6.38
C THR A 12 0.70 -15.07 5.81
N ILE A 13 0.19 -16.29 5.72
CA ILE A 13 -1.16 -16.48 5.24
C ILE A 13 -1.93 -17.27 6.30
N LYS A 14 -3.25 -17.19 6.25
CA LYS A 14 -4.11 -18.05 7.05
C LYS A 14 -5.04 -18.79 6.10
N VAL A 15 -4.97 -20.12 6.14
CA VAL A 15 -5.78 -21.00 5.28
C VAL A 15 -6.15 -22.27 6.02
N GLY A 16 -7.42 -22.68 5.87
CA GLY A 16 -7.92 -23.87 6.55
C GLY A 16 -7.68 -23.81 8.04
N GLY A 17 -7.77 -22.61 8.60
CA GLY A 17 -7.58 -22.42 10.03
C GLY A 17 -6.12 -22.40 10.47
N GLN A 18 -5.21 -22.63 9.53
CA GLN A 18 -3.79 -22.78 9.88
C GLN A 18 -2.96 -21.59 9.39
N LEU A 19 -1.98 -21.17 10.18
CA LEU A 19 -1.08 -20.08 9.78
C LEU A 19 0.14 -20.67 9.09
N LYS A 20 0.54 -20.08 7.97
CA LYS A 20 1.65 -20.64 7.19
C LYS A 20 2.45 -19.49 6.59
N GLU A 21 3.65 -19.80 6.10
CA GLU A 21 4.45 -18.85 5.35
C GLU A 21 4.38 -19.26 3.89
N ALA A 22 4.35 -18.26 3.00
CA ALA A 22 4.24 -18.55 1.57
C ALA A 22 4.92 -17.46 0.74
N LEU A 23 5.39 -17.88 -0.42
CA LEU A 23 6.17 -17.03 -1.31
C LEU A 23 5.27 -16.31 -2.33
N LEU A 24 5.36 -14.98 -2.40
CA LEU A 24 4.60 -14.24 -3.39
C LEU A 24 5.25 -14.44 -4.76
N ASP A 25 4.53 -15.08 -5.67
CA ASP A 25 5.15 -15.58 -6.89
C ASP A 25 4.45 -15.16 -8.18
N THR A 26 4.95 -14.11 -8.82
CA THR A 26 4.37 -13.61 -10.07
C THR A 26 4.55 -14.61 -11.23
N GLY A 27 5.47 -15.57 -11.08
CA GLY A 27 5.67 -16.59 -12.10
C GLY A 27 4.79 -17.83 -11.94
N ALA A 28 3.84 -17.79 -11.01
CA ALA A 28 2.91 -18.89 -10.82
C ALA A 28 1.49 -18.48 -11.20
N ASP A 29 0.86 -19.19 -12.14
CA ASP A 29 -0.54 -18.90 -12.46
C ASP A 29 -1.41 -19.12 -11.24
N ASP A 30 -1.14 -20.21 -10.51
CA ASP A 30 -2.00 -20.66 -9.45
C ASP A 30 -1.29 -20.78 -8.10
N THR A 31 -2.07 -20.89 -7.04
CA THR A 31 -1.56 -20.97 -5.68
C THR A 31 -1.39 -22.45 -5.30
N VAL A 32 -0.24 -22.82 -4.74
CA VAL A 32 0.06 -24.23 -4.46
C VAL A 32 0.56 -24.33 -3.05
N LEU A 33 -0.11 -25.14 -2.24
CA LEU A 33 0.26 -25.26 -0.83
C LEU A 33 0.73 -26.69 -0.50
N GLU A 34 1.65 -26.82 0.46
CA GLU A 34 2.11 -28.13 0.95
C GLU A 34 0.90 -28.94 1.40
N ASP A 35 0.97 -30.27 1.26
CA ASP A 35 -0.22 -31.13 1.47
C ASP A 35 -0.90 -30.87 2.82
N MET A 36 -2.22 -30.78 2.78
CA MET A 36 -3.02 -30.45 3.96
C MET A 36 -4.47 -30.83 3.67
N GLU A 37 -5.31 -30.82 4.70
CA GLU A 37 -6.73 -31.07 4.52
C GLU A 37 -7.45 -29.75 4.26
N LEU A 38 -8.39 -29.74 3.33
CA LEU A 38 -9.22 -28.57 3.11
C LEU A 38 -10.65 -29.04 2.92
N PRO A 39 -11.63 -28.21 3.30
CA PRO A 39 -13.04 -28.64 3.22
C PRO A 39 -13.52 -28.67 1.78
N GLY A 40 -14.46 -29.58 1.50
CA GLY A 40 -15.18 -29.52 0.23
C GLY A 40 -14.69 -30.51 -0.79
N ARG A 41 -15.17 -30.34 -2.02
CA ARG A 41 -14.81 -31.25 -3.12
C ARG A 41 -13.50 -30.82 -3.74
N TRP A 42 -12.85 -31.76 -4.41
CA TRP A 42 -11.59 -31.47 -5.09
C TRP A 42 -11.47 -32.34 -6.33
N LYS A 43 -10.62 -31.95 -7.26
CA LYS A 43 -10.33 -32.80 -8.40
C LYS A 43 -8.84 -32.91 -8.61
N PRO A 44 -8.38 -34.07 -9.10
CA PRO A 44 -6.95 -34.28 -9.34
C PRO A 44 -6.46 -33.49 -10.55
N ARG A 45 -5.20 -33.11 -10.51
CA ARG A 45 -4.59 -32.27 -11.52
C ARG A 45 -3.09 -32.53 -11.49
N MET A 46 -2.42 -32.30 -12.62
CA MET A 46 -0.96 -32.36 -12.70
C MET A 46 -0.50 -30.93 -12.97
N ILE A 47 0.46 -30.43 -12.19
CA ILE A 47 0.97 -29.08 -12.43
C ILE A 47 2.45 -29.13 -12.69
N GLY A 48 2.91 -28.32 -13.65
CA GLY A 48 4.28 -28.42 -14.09
C GLY A 48 5.09 -27.22 -13.66
N GLY A 49 6.38 -27.44 -13.54
CA GLY A 49 7.31 -26.40 -13.18
C GLY A 49 8.69 -26.87 -13.53
N ILE A 50 9.67 -26.22 -12.94
CA ILE A 50 11.07 -26.48 -13.27
C ILE A 50 11.47 -27.94 -13.10
N GLY A 51 11.07 -28.59 -12.02
CA GLY A 51 11.55 -29.97 -11.94
C GLY A 51 10.78 -31.04 -12.73
N GLY A 52 9.74 -30.63 -13.44
CA GLY A 52 8.79 -31.59 -13.97
C GLY A 52 7.42 -31.36 -13.36
N PHE A 53 6.62 -32.42 -13.22
CA PHE A 53 5.22 -32.29 -12.80
C PHE A 53 4.96 -32.97 -11.47
N VAL A 54 4.00 -32.47 -10.70
CA VAL A 54 3.54 -33.15 -9.49
C VAL A 54 2.02 -33.23 -9.48
N LYS A 55 1.50 -34.27 -8.85
CA LYS A 55 0.04 -34.42 -8.73
C LYS A 55 -0.48 -33.67 -7.52
N VAL A 56 -1.54 -32.89 -7.73
CA VAL A 56 -2.12 -32.07 -6.68
C VAL A 56 -3.63 -32.24 -6.66
N ARG A 57 -4.25 -31.80 -5.56
CA ARG A 57 -5.70 -31.72 -5.50
C ARG A 57 -6.13 -30.26 -5.61
N GLN A 58 -7.07 -29.99 -6.51
CA GLN A 58 -7.59 -28.63 -6.71
C GLN A 58 -8.87 -28.39 -5.92
N TYR A 59 -8.81 -27.47 -4.97
CA TYR A 59 -9.99 -27.05 -4.22
C TYR A 59 -10.39 -25.66 -4.71
N ASP A 60 -11.66 -25.46 -5.00
CA ASP A 60 -12.13 -24.17 -5.47
C ASP A 60 -12.79 -23.38 -4.35
N GLN A 61 -12.85 -22.06 -4.52
CA GLN A 61 -13.52 -21.18 -3.58
C GLN A 61 -13.05 -21.36 -2.15
N ILE A 62 -11.74 -21.36 -1.96
CA ILE A 62 -11.17 -21.49 -0.63
C ILE A 62 -10.80 -20.10 -0.17
N PRO A 63 -11.23 -19.72 1.05
CA PRO A 63 -10.88 -18.41 1.60
C PRO A 63 -9.46 -18.39 2.20
N ILE A 64 -8.70 -17.35 1.93
CA ILE A 64 -7.36 -17.22 2.46
C ILE A 64 -7.11 -15.77 2.91
N GLU A 65 -6.51 -15.62 4.08
CA GLU A 65 -6.06 -14.31 4.52
C GLU A 65 -4.59 -14.14 4.17
N ILE A 66 -4.28 -13.06 3.46
CA ILE A 66 -2.91 -12.72 3.10
C ILE A 66 -2.69 -11.29 3.51
N CYS A 67 -1.63 -11.02 4.26
CA CYS A 67 -1.37 -9.67 4.76
C CYS A 67 -2.63 -9.16 5.49
N GLY A 68 -3.26 -10.06 6.23
CA GLY A 68 -4.51 -9.74 6.92
C GLY A 68 -5.75 -9.61 6.05
N HIS A 69 -5.57 -9.34 4.75
CA HIS A 69 -6.70 -9.17 3.84
C HIS A 69 -7.27 -10.51 3.36
N LYS A 70 -8.60 -10.63 3.40
CA LYS A 70 -9.25 -11.88 3.05
C LYS A 70 -9.58 -11.94 1.55
N VAL A 71 -9.06 -12.95 0.86
CA VAL A 71 -9.37 -13.16 -0.56
C VAL A 71 -9.90 -14.56 -0.75
N ILE A 72 -10.40 -14.87 -1.93
CA ILE A 72 -10.90 -16.22 -2.19
C ILE A 72 -10.47 -16.68 -3.57
N GLY A 73 -10.20 -17.98 -3.72
CA GLY A 73 -9.85 -18.49 -5.03
C GLY A 73 -9.50 -19.97 -4.98
N THR A 74 -8.93 -20.45 -6.07
CA THR A 74 -8.55 -21.85 -6.19
C THR A 74 -7.21 -22.07 -5.51
N VAL A 75 -7.09 -23.19 -4.81
CA VAL A 75 -5.84 -23.54 -4.14
C VAL A 75 -5.52 -24.98 -4.52
N LEU A 76 -4.31 -25.20 -5.01
CA LEU A 76 -3.86 -26.55 -5.33
C LEU A 76 -3.05 -27.06 -4.14
N VAL A 77 -3.24 -28.32 -3.79
CA VAL A 77 -2.58 -28.88 -2.61
C VAL A 77 -1.81 -30.14 -2.97
N GLY A 78 -0.53 -30.22 -2.57
CA GLY A 78 0.25 -31.40 -2.87
C GLY A 78 1.69 -31.28 -2.40
N PRO A 79 2.57 -32.19 -2.88
CA PRO A 79 3.96 -32.25 -2.43
C PRO A 79 4.85 -31.18 -3.06
N THR A 80 4.50 -29.92 -2.85
CA THR A 80 5.38 -28.83 -3.24
C THR A 80 6.42 -28.57 -2.16
N PRO A 81 7.64 -28.22 -2.58
CA PRO A 81 8.69 -27.93 -1.60
C PRO A 81 8.41 -26.66 -0.77
N THR A 82 7.65 -25.70 -1.31
CA THR A 82 7.29 -24.51 -0.52
C THR A 82 5.91 -23.98 -0.91
N ASN A 83 5.26 -23.29 0.00
CA ASN A 83 3.95 -22.71 -0.27
C ASN A 83 4.11 -21.53 -1.22
N ILE A 84 3.27 -21.45 -2.25
CA ILE A 84 3.39 -20.43 -3.28
C ILE A 84 2.04 -19.76 -3.45
N ILE A 85 2.03 -18.43 -3.36
CA ILE A 85 0.83 -17.66 -3.64
C ILE A 85 0.94 -17.20 -5.09
N GLY A 86 0.04 -17.66 -5.95
CA GLY A 86 0.11 -17.33 -7.36
C GLY A 86 -0.66 -16.08 -7.76
N ARG A 87 -0.62 -15.75 -9.05
CA ARG A 87 -1.30 -14.55 -9.54
C ARG A 87 -2.80 -14.58 -9.24
N ASN A 88 -3.39 -15.77 -9.17
CA ASN A 88 -4.83 -15.85 -8.98
C ASN A 88 -5.30 -15.23 -7.66
N LEU A 89 -4.45 -15.27 -6.63
CA LEU A 89 -4.79 -14.57 -5.40
C LEU A 89 -4.13 -13.19 -5.34
N MET A 90 -2.95 -13.03 -5.95
CA MET A 90 -2.28 -11.74 -5.88
C MET A 90 -3.12 -10.62 -6.49
N THR A 91 -3.82 -10.92 -7.58
CA THR A 91 -4.68 -9.92 -8.24
C THR A 91 -5.75 -9.43 -7.28
N GLN A 92 -6.22 -10.31 -6.40
CA GLN A 92 -7.34 -9.95 -5.52
C GLN A 92 -6.94 -8.91 -4.48
N LEU A 93 -5.63 -8.81 -4.21
CA LEU A 93 -5.10 -7.82 -3.26
C LEU A 93 -4.61 -6.56 -3.96
N GLY A 94 -4.69 -6.56 -5.28
CA GLY A 94 -4.28 -5.41 -6.04
C GLY A 94 -2.78 -5.31 -6.20
N PHE A 95 -2.09 -6.45 -6.10
CA PHE A 95 -0.64 -6.43 -6.28
C PHE A 95 -0.22 -6.06 -7.69
N THR A 96 0.78 -5.18 -7.81
CA THR A 96 1.43 -4.95 -9.09
C THR A 96 2.94 -5.01 -8.97
N LEU A 97 3.62 -5.27 -10.08
CA LEU A 97 5.06 -5.10 -10.18
C LEU A 97 5.33 -3.70 -10.70
N ASN A 98 6.32 -3.02 -10.11
CA ASN A 98 6.65 -1.68 -10.51
C ASN A 98 8.15 -1.49 -10.63
N PHE A 99 8.56 -0.65 -11.57
CA PHE A 99 9.95 -0.25 -11.66
C PHE A 99 10.07 1.12 -12.31
N PRO B 1 7.26 1.98 -14.96
CA PRO B 1 6.01 1.34 -15.39
C PRO B 1 5.38 0.52 -14.27
N GLN B 2 4.12 0.14 -14.48
CA GLN B 2 3.41 -0.69 -13.53
C GLN B 2 2.83 -1.87 -14.31
N ILE B 3 2.99 -3.08 -13.79
CA ILE B 3 2.46 -4.26 -14.46
C ILE B 3 1.47 -4.95 -13.52
N THR B 4 0.22 -5.10 -13.97
CA THR B 4 -0.75 -5.86 -13.18
C THR B 4 -0.56 -7.34 -13.46
N LEU B 5 -1.29 -8.18 -12.74
CA LEU B 5 -1.01 -9.61 -12.76
C LEU B 5 -2.18 -10.47 -13.23
N TRP B 6 -3.13 -9.86 -13.96
CA TRP B 6 -4.27 -10.62 -14.49
C TRP B 6 -3.84 -11.59 -15.59
N GLN B 7 -2.77 -11.26 -16.28
CA GLN B 7 -2.16 -12.19 -17.24
C GLN B 7 -0.71 -12.43 -16.82
N ARG B 8 -0.05 -13.42 -17.42
CA ARG B 8 1.38 -13.65 -17.13
C ARG B 8 2.18 -12.38 -17.46
N PRO B 9 3.09 -11.98 -16.55
CA PRO B 9 3.93 -10.79 -16.79
C PRO B 9 5.11 -11.09 -17.70
N ILE B 10 4.82 -11.16 -18.99
CA ILE B 10 5.80 -11.52 -20.01
C ILE B 10 6.38 -10.25 -20.60
N VAL B 11 7.70 -10.15 -20.64
CA VAL B 11 8.34 -9.02 -21.29
C VAL B 11 9.29 -9.48 -22.38
N THR B 12 9.68 -8.55 -23.22
CA THR B 12 10.65 -8.82 -24.26
C THR B 12 12.06 -8.63 -23.71
N ILE B 13 12.94 -9.58 -23.99
CA ILE B 13 14.32 -9.41 -23.60
C ILE B 13 15.18 -9.58 -24.84
N LYS B 14 16.42 -9.11 -24.76
CA LYS B 14 17.37 -9.28 -25.83
C LYS B 14 18.63 -9.90 -25.24
N VAL B 15 18.95 -11.08 -25.71
CA VAL B 15 20.13 -11.74 -25.18
C VAL B 15 20.89 -12.39 -26.35
N GLY B 16 22.19 -12.14 -26.40
CA GLY B 16 23.03 -12.63 -27.48
C GLY B 16 22.47 -12.27 -28.84
N GLY B 17 22.11 -11.01 -29.02
CA GLY B 17 21.62 -10.54 -30.30
C GLY B 17 20.17 -10.86 -30.64
N GLN B 18 19.55 -11.74 -29.87
CA GLN B 18 18.21 -12.26 -30.22
C GLN B 18 17.10 -11.71 -29.33
N LEU B 19 15.98 -11.34 -29.92
CA LEU B 19 14.78 -10.96 -29.15
C LEU B 19 14.04 -12.22 -28.69
N LYS B 20 13.70 -12.26 -27.40
CA LYS B 20 12.97 -13.38 -26.84
C LYS B 20 11.93 -12.85 -25.86
N GLU B 21 11.01 -13.73 -25.47
CA GLU B 21 9.96 -13.47 -24.48
C GLU B 21 10.43 -14.08 -23.14
N ALA B 22 10.15 -13.44 -22.01
CA ALA B 22 10.48 -14.07 -20.72
C ALA B 22 9.49 -13.65 -19.63
N LEU B 23 9.35 -14.52 -18.64
CA LEU B 23 8.36 -14.33 -17.56
C LEU B 23 9.02 -13.64 -16.35
N LEU B 24 8.46 -12.52 -15.91
CA LEU B 24 8.96 -11.87 -14.68
C LEU B 24 8.50 -12.67 -13.47
N ASP B 25 9.46 -13.22 -12.73
CA ASP B 25 9.15 -14.24 -11.74
C ASP B 25 9.74 -13.91 -10.35
N THR B 26 8.91 -13.35 -9.46
CA THR B 26 9.38 -13.04 -8.11
C THR B 26 9.65 -14.26 -7.28
N GLY B 27 9.14 -15.41 -7.69
CA GLY B 27 9.32 -16.64 -6.93
C GLY B 27 10.56 -17.42 -7.36
N ALA B 28 11.40 -16.79 -8.18
CA ALA B 28 12.62 -17.42 -8.68
C ALA B 28 13.85 -16.65 -8.19
N ASP B 29 14.76 -17.32 -7.51
CA ASP B 29 15.99 -16.65 -7.07
C ASP B 29 16.84 -16.25 -8.27
N ASP B 30 16.87 -17.10 -9.28
CA ASP B 30 17.79 -16.96 -10.41
C ASP B 30 17.05 -16.90 -11.73
N THR B 31 17.78 -16.53 -12.77
CA THR B 31 17.22 -16.36 -14.12
C THR B 31 17.55 -17.63 -14.91
N VAL B 32 16.56 -18.20 -15.59
CA VAL B 32 16.75 -19.45 -16.30
C VAL B 32 16.24 -19.28 -17.72
N LEU B 33 17.10 -19.56 -18.71
CA LEU B 33 16.70 -19.46 -20.12
C LEU B 33 16.71 -20.82 -20.82
N GLU B 34 15.81 -20.98 -21.79
CA GLU B 34 15.82 -22.15 -22.68
C GLU B 34 17.18 -22.32 -23.35
N ASP B 35 17.53 -23.54 -23.73
CA ASP B 35 18.83 -23.75 -24.37
C ASP B 35 19.13 -22.74 -25.47
N MET B 36 20.31 -22.15 -25.40
CA MET B 36 20.78 -21.23 -26.41
C MET B 36 22.30 -21.13 -26.28
N GLU B 37 22.93 -20.51 -27.26
CA GLU B 37 24.38 -20.36 -27.18
C GLU B 37 24.74 -19.04 -26.51
N LEU B 38 25.65 -19.11 -25.54
CA LEU B 38 26.16 -17.92 -24.87
C LEU B 38 27.68 -18.00 -24.86
N PRO B 39 28.35 -16.84 -24.84
CA PRO B 39 29.81 -16.85 -24.91
C PRO B 39 30.47 -17.22 -23.57
N GLY B 40 31.73 -17.62 -23.65
CA GLY B 40 32.49 -17.90 -22.44
C GLY B 40 32.28 -19.29 -21.87
N ARG B 41 32.82 -19.49 -20.68
CA ARG B 41 32.72 -20.77 -19.98
C ARG B 41 31.48 -20.86 -19.09
N TRP B 42 31.04 -22.09 -18.83
CA TRP B 42 29.98 -22.31 -17.86
C TRP B 42 30.41 -23.23 -16.73
N LYS B 43 29.64 -23.23 -15.64
CA LYS B 43 29.91 -24.13 -14.52
C LYS B 43 28.62 -24.82 -14.10
N PRO B 44 28.72 -25.96 -13.39
CA PRO B 44 27.52 -26.75 -13.15
C PRO B 44 26.69 -26.19 -12.01
N ARG B 45 25.38 -26.35 -12.14
CA ARG B 45 24.48 -25.84 -11.12
C ARG B 45 23.26 -26.75 -11.09
N MET B 46 22.75 -27.02 -9.89
CA MET B 46 21.51 -27.78 -9.73
C MET B 46 20.49 -26.80 -9.15
N ILE B 47 19.36 -26.64 -9.83
CA ILE B 47 18.28 -25.79 -9.31
C ILE B 47 17.04 -26.62 -9.00
N GLY B 48 16.30 -26.20 -7.98
CA GLY B 48 15.11 -26.93 -7.57
C GLY B 48 13.87 -26.17 -7.96
N GLY B 49 12.85 -26.91 -8.39
CA GLY B 49 11.57 -26.31 -8.75
C GLY B 49 10.46 -27.16 -8.16
N ILE B 50 9.25 -26.92 -8.62
CA ILE B 50 8.11 -27.66 -8.09
C ILE B 50 8.27 -29.16 -8.35
N GLY B 51 8.88 -29.53 -9.47
CA GLY B 51 8.92 -30.94 -9.83
C GLY B 51 10.15 -31.66 -9.34
N GLY B 52 11.05 -30.93 -8.69
CA GLY B 52 12.31 -31.50 -8.23
C GLY B 52 13.51 -30.75 -8.79
N PHE B 53 14.64 -31.42 -8.94
CA PHE B 53 15.85 -30.74 -9.33
C PHE B 53 16.24 -31.02 -10.76
N VAL B 54 16.98 -30.09 -11.37
CA VAL B 54 17.46 -30.26 -12.73
C VAL B 54 18.84 -29.62 -12.90
N LYS B 55 19.69 -30.22 -13.73
CA LYS B 55 21.02 -29.70 -14.01
C LYS B 55 20.95 -28.59 -15.04
N VAL B 56 21.62 -27.48 -14.79
CA VAL B 56 21.62 -26.37 -15.74
C VAL B 56 23.06 -25.90 -15.90
N ARG B 57 23.29 -25.08 -16.92
CA ARG B 57 24.61 -24.52 -17.15
C ARG B 57 24.61 -23.09 -16.61
N GLN B 58 25.59 -22.75 -15.77
CA GLN B 58 25.64 -21.39 -15.24
C GLN B 58 26.65 -20.54 -15.98
N TYR B 59 26.16 -19.47 -16.62
CA TYR B 59 27.03 -18.49 -17.27
C TYR B 59 27.01 -17.20 -16.46
N ASP B 60 28.19 -16.70 -16.11
CA ASP B 60 28.29 -15.48 -15.31
C ASP B 60 28.54 -14.25 -16.18
N GLN B 61 28.18 -13.08 -15.67
CA GLN B 61 28.36 -11.78 -16.37
C GLN B 61 27.84 -11.67 -17.79
N ILE B 62 26.60 -12.10 -18.00
CA ILE B 62 25.97 -12.04 -19.31
C ILE B 62 25.10 -10.77 -19.39
N PRO B 63 25.26 -9.97 -20.45
CA PRO B 63 24.41 -8.78 -20.68
C PRO B 63 23.07 -9.18 -21.26
N ILE B 64 21.99 -8.66 -20.67
CA ILE B 64 20.65 -8.81 -21.22
C ILE B 64 19.96 -7.45 -21.19
N GLU B 65 19.22 -7.14 -22.24
CA GLU B 65 18.36 -5.96 -22.20
C GLU B 65 16.97 -6.41 -21.83
N ILE B 66 16.39 -5.80 -20.81
CA ILE B 66 15.02 -6.14 -20.44
C ILE B 66 14.24 -4.85 -20.48
N CYS B 67 13.19 -4.82 -21.30
CA CYS B 67 12.45 -3.58 -21.55
C CYS B 67 13.44 -2.48 -21.94
N GLY B 68 14.38 -2.84 -22.81
CA GLY B 68 15.41 -1.92 -23.25
C GLY B 68 16.49 -1.54 -22.23
N HIS B 69 16.31 -1.94 -20.98
CA HIS B 69 17.33 -1.64 -19.95
C HIS B 69 18.39 -2.73 -19.86
N LYS B 70 19.65 -2.33 -19.81
CA LYS B 70 20.72 -3.32 -19.77
C LYS B 70 20.95 -3.81 -18.34
N VAL B 71 21.00 -5.13 -18.15
CA VAL B 71 21.42 -5.71 -16.88
C VAL B 71 22.58 -6.62 -17.26
N ILE B 72 23.45 -6.94 -16.30
CA ILE B 72 24.56 -7.87 -16.55
C ILE B 72 24.65 -8.77 -15.35
N GLY B 73 24.49 -10.07 -15.55
CA GLY B 73 24.51 -10.96 -14.41
C GLY B 73 24.52 -12.43 -14.78
N THR B 74 24.21 -13.27 -13.79
CA THR B 74 24.26 -14.72 -13.96
C THR B 74 23.01 -15.19 -14.67
N VAL B 75 23.20 -16.03 -15.66
CA VAL B 75 22.07 -16.60 -16.38
C VAL B 75 22.24 -18.11 -16.38
N LEU B 76 21.17 -18.85 -16.09
CA LEU B 76 21.23 -20.32 -16.07
C LEU B 76 20.56 -20.85 -17.32
N VAL B 77 21.17 -21.83 -18.00
CA VAL B 77 20.60 -22.33 -19.25
C VAL B 77 20.28 -23.81 -19.11
N GLY B 78 19.06 -24.19 -19.42
CA GLY B 78 18.68 -25.59 -19.30
C GLY B 78 17.23 -25.84 -19.66
N PRO B 79 16.72 -27.04 -19.35
CA PRO B 79 15.36 -27.46 -19.72
C PRO B 79 14.25 -26.69 -19.00
N THR B 80 13.59 -25.82 -19.74
CA THR B 80 12.51 -25.00 -19.21
C THR B 80 11.51 -24.67 -20.32
N PRO B 81 10.22 -24.69 -20.00
CA PRO B 81 9.11 -24.36 -20.91
C PRO B 81 9.13 -22.90 -21.27
N THR B 82 9.73 -22.11 -20.38
CA THR B 82 9.67 -20.67 -20.52
C THR B 82 10.95 -20.05 -19.96
N ASN B 83 11.41 -18.98 -20.62
CA ASN B 83 12.47 -18.16 -20.07
C ASN B 83 11.93 -17.47 -18.82
N ILE B 84 12.74 -17.39 -17.76
CA ILE B 84 12.28 -16.88 -16.48
C ILE B 84 13.30 -15.85 -16.02
N ILE B 85 12.84 -14.63 -15.74
CA ILE B 85 13.71 -13.59 -15.20
C ILE B 85 13.49 -13.61 -13.70
N GLY B 86 14.53 -13.99 -12.97
CA GLY B 86 14.44 -14.07 -11.52
C GLY B 86 14.89 -12.81 -10.77
N ARG B 87 14.89 -12.93 -9.45
CA ARG B 87 15.15 -11.78 -8.58
C ARG B 87 16.55 -11.22 -8.79
N ASN B 88 17.48 -12.06 -9.23
CA ASN B 88 18.85 -11.59 -9.43
C ASN B 88 18.92 -10.45 -10.45
N LEU B 89 18.10 -10.53 -11.50
CA LEU B 89 18.05 -9.49 -12.51
C LEU B 89 16.94 -8.50 -12.27
N MET B 90 15.83 -8.94 -11.68
CA MET B 90 14.77 -7.97 -11.37
C MET B 90 15.27 -6.88 -10.40
N THR B 91 16.13 -7.26 -9.47
CA THR B 91 16.69 -6.27 -8.55
C THR B 91 17.55 -5.25 -9.26
N GLN B 92 18.26 -5.65 -10.32
CA GLN B 92 19.05 -4.70 -11.10
C GLN B 92 18.20 -3.63 -11.79
N LEU B 93 16.96 -3.96 -12.10
CA LEU B 93 16.01 -3.01 -12.69
C LEU B 93 15.27 -2.20 -11.64
N GLY B 94 15.37 -2.62 -10.38
CA GLY B 94 14.68 -1.92 -9.31
C GLY B 94 13.21 -2.29 -9.19
N PHE B 95 12.86 -3.52 -9.56
CA PHE B 95 11.49 -3.98 -9.45
C PHE B 95 11.07 -4.17 -8.00
N THR B 96 9.83 -3.80 -7.68
CA THR B 96 9.26 -4.07 -6.36
C THR B 96 7.85 -4.59 -6.55
N LEU B 97 7.32 -5.28 -5.54
CA LEU B 97 5.91 -5.64 -5.51
C LEU B 97 5.18 -4.58 -4.69
N ASN B 98 4.03 -4.13 -5.17
CA ASN B 98 3.28 -3.09 -4.44
C ASN B 98 1.81 -3.38 -4.33
N PHE B 99 1.22 -3.03 -3.20
CA PHE B 99 -0.22 -3.06 -3.11
C PHE B 99 -0.72 -1.96 -2.18
N PRO C 1 -2.12 0.40 -0.24
CA PRO C 1 -3.46 0.80 -0.67
C PRO C 1 -3.58 2.30 -0.82
N GLN C 2 -4.60 2.72 -1.57
CA GLN C 2 -4.85 4.13 -1.83
C GLN C 2 -6.22 4.49 -1.26
N ILE C 3 -6.27 5.50 -0.40
CA ILE C 3 -7.55 5.92 0.17
C ILE C 3 -8.00 7.22 -0.48
N THR C 4 -9.22 7.19 -1.00
CA THR C 4 -9.86 8.28 -1.73
C THR C 4 -10.33 9.34 -0.73
N LEU C 5 -10.50 10.60 -1.17
CA LEU C 5 -11.04 11.61 -0.25
C LEU C 5 -12.45 12.09 -0.63
N TRP C 6 -13.14 11.33 -1.47
CA TRP C 6 -14.53 11.62 -1.79
C TRP C 6 -15.42 11.44 -0.56
N GLN C 7 -14.99 10.59 0.38
CA GLN C 7 -15.69 10.50 1.67
C GLN C 7 -14.68 10.65 2.78
N ARG C 8 -15.16 10.81 4.01
CA ARG C 8 -14.25 10.87 5.18
C ARG C 8 -13.43 9.59 5.24
N PRO C 9 -12.10 9.72 5.40
CA PRO C 9 -11.25 8.51 5.47
C PRO C 9 -11.29 7.85 6.85
N ILE C 10 -12.30 7.02 7.07
CA ILE C 10 -12.48 6.40 8.39
C ILE C 10 -11.91 5.00 8.34
N VAL C 11 -11.19 4.60 9.40
CA VAL C 11 -10.61 3.27 9.49
C VAL C 11 -10.90 2.66 10.85
N THR C 12 -10.75 1.34 10.95
CA THR C 12 -10.91 0.65 12.23
C THR C 12 -9.59 0.64 12.99
N ILE C 13 -9.65 0.89 14.28
CA ILE C 13 -8.46 0.80 15.12
C ILE C 13 -8.77 -0.07 16.31
N LYS C 14 -7.71 -0.58 16.94
CA LYS C 14 -7.84 -1.31 18.19
C LYS C 14 -6.94 -0.64 19.22
N VAL C 15 -7.54 -0.21 20.32
CA VAL C 15 -6.81 0.50 21.37
C VAL C 15 -7.42 0.17 22.72
N GLY C 16 -6.56 -0.07 23.71
CA GLY C 16 -7.00 -0.42 25.05
C GLY C 16 -7.97 -1.59 25.06
N GLY C 17 -7.74 -2.55 24.16
CA GLY C 17 -8.57 -3.74 24.07
C GLY C 17 -9.90 -3.51 23.36
N GLN C 18 -10.14 -2.29 22.90
CA GLN C 18 -11.43 -1.96 22.29
C GLN C 18 -11.28 -1.69 20.80
N LEU C 19 -12.29 -2.05 20.00
CA LEU C 19 -12.29 -1.71 18.58
C LEU C 19 -13.08 -0.43 18.38
N LYS C 20 -12.57 0.48 17.54
CA LYS C 20 -13.21 1.77 17.35
C LYS C 20 -13.04 2.20 15.91
N GLU C 21 -13.84 3.19 15.50
CA GLU C 21 -13.66 3.80 14.19
C GLU C 21 -12.99 5.16 14.41
N ALA C 22 -12.12 5.56 13.48
CA ALA C 22 -11.41 6.82 13.63
C ALA C 22 -11.07 7.43 12.27
N LEU C 23 -10.97 8.76 12.27
CA LEU C 23 -10.77 9.54 11.06
C LEU C 23 -9.29 9.78 10.82
N LEU C 24 -8.79 9.48 9.62
CA LEU C 24 -7.38 9.73 9.31
C LEU C 24 -7.26 11.20 8.99
N ASP C 25 -6.48 11.90 9.82
CA ASP C 25 -6.52 13.36 9.81
C ASP C 25 -5.16 14.02 9.70
N THR C 26 -4.77 14.40 8.48
CA THR C 26 -3.47 15.03 8.23
C THR C 26 -3.41 16.42 8.85
N GLY C 27 -4.57 16.98 9.19
CA GLY C 27 -4.64 18.28 9.84
C GLY C 27 -4.52 18.23 11.35
N ALA C 28 -4.31 17.04 11.92
CA ALA C 28 -4.14 16.89 13.37
C ALA C 28 -2.70 16.52 13.72
N ASP C 29 -2.06 17.31 14.59
CA ASP C 29 -0.71 16.92 15.05
C ASP C 29 -0.76 15.61 15.83
N ASP C 30 -1.77 15.50 16.71
CA ASP C 30 -1.87 14.42 17.69
C ASP C 30 -3.12 13.57 17.47
N THR C 31 -3.14 12.38 18.06
CA THR C 31 -4.29 11.48 18.02
C THR C 31 -5.20 11.76 19.23
N VAL C 32 -6.49 11.93 18.99
CA VAL C 32 -7.42 12.28 20.07
C VAL C 32 -8.57 11.29 20.03
N LEU C 33 -8.83 10.63 21.17
CA LEU C 33 -9.89 9.63 21.19
C LEU C 33 -10.99 10.01 22.18
N GLU C 34 -12.23 9.61 21.89
CA GLU C 34 -13.34 9.81 22.82
C GLU C 34 -12.98 9.27 24.20
N ASP C 35 -13.56 9.83 25.26
CA ASP C 35 -13.10 9.54 26.61
C ASP C 35 -13.17 8.05 26.93
N MET C 36 -12.07 7.53 27.46
CA MET C 36 -11.96 6.11 27.80
C MET C 36 -10.88 5.93 28.84
N GLU C 37 -10.75 4.73 29.37
CA GLU C 37 -9.67 4.46 30.31
C GLU C 37 -8.50 3.81 29.56
N LEU C 38 -7.29 4.26 29.85
CA LEU C 38 -6.08 3.65 29.31
C LEU C 38 -5.14 3.36 30.48
N PRO C 39 -4.27 2.36 30.33
CA PRO C 39 -3.35 2.04 31.42
C PRO C 39 -2.21 3.03 31.53
N GLY C 40 -1.71 3.23 32.74
CA GLY C 40 -0.50 4.01 32.93
C GLY C 40 -0.73 5.44 33.40
N ARG C 41 0.36 6.21 33.42
CA ARG C 41 0.30 7.59 33.87
C ARG C 41 -0.19 8.52 32.76
N TRP C 42 -0.75 9.64 33.17
CA TRP C 42 -1.22 10.63 32.21
C TRP C 42 -1.00 12.02 32.77
N LYS C 43 -1.05 13.01 31.89
CA LYS C 43 -0.95 14.40 32.35
C LYS C 43 -2.01 15.22 31.63
N PRO C 44 -2.56 16.25 32.30
CA PRO C 44 -3.65 17.03 31.71
C PRO C 44 -3.09 18.02 30.70
N ARG C 45 -3.92 18.34 29.73
CA ARG C 45 -3.51 19.17 28.62
C ARG C 45 -4.75 19.78 27.99
N MET C 46 -4.58 20.95 27.38
CA MET C 46 -5.63 21.61 26.62
C MET C 46 -5.27 21.55 25.14
N ILE C 47 -6.18 21.07 24.31
CA ILE C 47 -5.93 21.08 22.88
C ILE C 47 -6.96 21.92 22.14
N GLY C 48 -6.48 22.60 21.11
CA GLY C 48 -7.30 23.59 20.45
C GLY C 48 -7.65 23.15 19.04
N GLY C 49 -8.78 23.63 18.56
CA GLY C 49 -9.22 23.30 17.24
C GLY C 49 -10.27 24.30 16.84
N ILE C 50 -11.07 23.95 15.84
CA ILE C 50 -12.03 24.90 15.28
C ILE C 50 -13.01 25.47 16.31
N GLY C 51 -13.54 24.66 17.21
CA GLY C 51 -14.50 25.28 18.12
C GLY C 51 -13.93 25.93 19.39
N GLY C 52 -12.61 25.98 19.51
CA GLY C 52 -12.01 26.36 20.79
C GLY C 52 -11.20 25.21 21.37
N PHE C 53 -11.06 25.18 22.69
CA PHE C 53 -10.18 24.21 23.34
C PHE C 53 -10.97 23.19 24.17
N VAL C 54 -10.45 21.98 24.30
CA VAL C 54 -11.01 21.00 25.24
C VAL C 54 -9.91 20.43 26.13
N LYS C 55 -10.27 20.05 27.35
CA LYS C 55 -9.30 19.43 28.25
C LYS C 55 -9.21 17.94 27.98
N VAL C 56 -7.98 17.45 27.85
CA VAL C 56 -7.74 16.04 27.58
C VAL C 56 -6.68 15.48 28.51
N ARG C 57 -6.60 14.16 28.57
CA ARG C 57 -5.52 13.48 29.29
C ARG C 57 -4.57 12.86 28.28
N GLN C 58 -3.28 13.14 28.43
CA GLN C 58 -2.25 12.65 27.53
C GLN C 58 -1.63 11.36 28.06
N TYR C 59 -1.79 10.25 27.35
CA TYR C 59 -1.13 9.00 27.72
C TYR C 59 -0.01 8.76 26.72
N ASP C 60 1.17 8.43 27.20
CA ASP C 60 2.30 8.19 26.29
C ASP C 60 2.56 6.70 26.04
N GLN C 61 3.19 6.40 24.91
CA GLN C 61 3.57 5.02 24.58
C GLN C 61 2.40 4.04 24.66
N ILE C 62 1.30 4.37 23.98
CA ILE C 62 0.12 3.53 23.97
C ILE C 62 0.15 2.77 22.65
N PRO C 63 -0.01 1.46 22.68
CA PRO C 63 0.00 0.71 21.42
C PRO C 63 -1.37 0.79 20.75
N ILE C 64 -1.40 0.97 19.43
CA ILE C 64 -2.65 0.97 18.68
C ILE C 64 -2.49 0.20 17.38
N GLU C 65 -3.47 -0.64 17.07
CA GLU C 65 -3.53 -1.30 15.78
C GLU C 65 -4.34 -0.47 14.79
N ILE C 66 -3.74 -0.14 13.66
CA ILE C 66 -4.46 0.56 12.59
C ILE C 66 -4.24 -0.20 11.30
N CYS C 67 -5.32 -0.51 10.60
CA CYS C 67 -5.23 -1.28 9.37
C CYS C 67 -4.46 -2.58 9.64
N GLY C 68 -4.70 -3.18 10.80
CA GLY C 68 -4.01 -4.40 11.19
C GLY C 68 -2.57 -4.20 11.64
N HIS C 69 -1.96 -3.08 11.24
CA HIS C 69 -0.57 -2.81 11.60
C HIS C 69 -0.50 -2.19 13.01
N LYS C 70 0.49 -2.62 13.77
CA LYS C 70 0.66 -2.12 15.13
C LYS C 70 1.65 -0.94 15.20
N VAL C 71 1.20 0.18 15.79
CA VAL C 71 2.07 1.33 15.99
C VAL C 71 2.02 1.75 17.46
N ILE C 72 2.88 2.69 17.86
CA ILE C 72 2.86 3.18 19.22
C ILE C 72 3.08 4.68 19.28
N GLY C 73 2.41 5.36 20.20
CA GLY C 73 2.63 6.78 20.33
C GLY C 73 1.72 7.39 21.38
N THR C 74 1.75 8.71 21.45
CA THR C 74 0.93 9.45 22.41
C THR C 74 -0.52 9.49 21.95
N VAL C 75 -1.44 9.29 22.88
CA VAL C 75 -2.87 9.36 22.61
C VAL C 75 -3.50 10.33 23.59
N LEU C 76 -4.28 11.28 23.08
CA LEU C 76 -4.99 12.23 23.93
C LEU C 76 -6.40 11.73 24.08
N VAL C 77 -6.96 11.81 25.29
CA VAL C 77 -8.27 11.26 25.54
C VAL C 77 -9.16 12.32 26.17
N GLY C 78 -10.35 12.53 25.61
CA GLY C 78 -11.24 13.54 26.14
C GLY C 78 -12.53 13.66 25.36
N PRO C 79 -13.28 14.73 25.63
CA PRO C 79 -14.61 14.88 25.01
C PRO C 79 -14.52 15.42 23.60
N THR C 80 -13.88 14.66 22.73
CA THR C 80 -13.91 14.96 21.30
C THR C 80 -15.15 14.39 20.64
N PRO C 81 -15.73 15.14 19.67
CA PRO C 81 -16.91 14.65 18.97
C PRO C 81 -16.64 13.40 18.12
N THR C 82 -15.39 13.14 17.76
CA THR C 82 -15.05 11.94 16.96
C THR C 82 -13.60 11.51 17.17
N ASN C 83 -13.31 10.23 17.01
CA ASN C 83 -11.94 9.74 17.13
C ASN C 83 -11.11 10.20 15.95
N ILE C 84 -9.88 10.65 16.22
CA ILE C 84 -9.03 11.26 15.20
C ILE C 84 -7.66 10.63 15.30
N ILE C 85 -7.18 10.07 14.19
CA ILE C 85 -5.81 9.56 14.15
C ILE C 85 -4.96 10.66 13.55
N GLY C 86 -4.04 11.22 14.32
CA GLY C 86 -3.21 12.33 13.86
C GLY C 86 -1.91 11.92 13.18
N ARG C 87 -1.13 12.92 12.77
CA ARG C 87 0.13 12.66 12.05
C ARG C 87 1.08 11.81 12.88
N ASN C 88 0.98 11.90 14.20
CA ASN C 88 1.96 11.18 15.05
C ASN C 88 1.91 9.66 14.88
N LEU C 89 0.72 9.14 14.56
CA LEU C 89 0.57 7.72 14.28
C LEU C 89 0.61 7.43 12.78
N MET C 90 0.08 8.34 11.95
CA MET C 90 0.06 8.11 10.51
C MET C 90 1.47 7.93 9.94
N THR C 91 2.43 8.67 10.48
CA THR C 91 3.83 8.57 10.00
C THR C 91 4.35 7.16 10.21
N GLN C 92 3.92 6.53 11.31
CA GLN C 92 4.44 5.21 11.66
C GLN C 92 3.98 4.13 10.68
N LEU C 93 2.90 4.37 9.95
CA LEU C 93 2.41 3.44 8.93
C LEU C 93 2.94 3.80 7.54
N GLY C 94 3.69 4.88 7.45
CA GLY C 94 4.20 5.32 6.16
C GLY C 94 3.15 5.99 5.29
N PHE C 95 2.12 6.57 5.89
CA PHE C 95 1.11 7.29 5.09
C PHE C 95 1.72 8.53 4.46
N THR C 96 1.41 8.75 3.18
CA THR C 96 1.74 10.03 2.54
C THR C 96 0.51 10.56 1.82
N LEU C 97 0.49 11.87 1.55
CA LEU C 97 -0.52 12.44 0.67
C LEU C 97 0.11 12.48 -0.71
N ASN C 98 -0.71 12.22 -1.73
CA ASN C 98 -0.23 12.13 -3.10
C ASN C 98 -1.23 12.76 -4.05
N PHE C 99 -0.73 13.42 -5.08
CA PHE C 99 -1.58 13.89 -6.17
C PHE C 99 -0.76 14.04 -7.45
N PRO D 1 3.15 14.96 -6.97
CA PRO D 1 4.01 15.08 -5.80
C PRO D 1 3.60 14.13 -4.67
N GLN D 2 4.52 13.90 -3.74
CA GLN D 2 4.24 13.09 -2.56
C GLN D 2 4.61 13.90 -1.34
N ILE D 3 3.73 13.93 -0.35
CA ILE D 3 3.99 14.72 0.85
C ILE D 3 3.96 13.79 2.06
N THR D 4 5.07 13.73 2.81
CA THR D 4 5.09 12.95 4.05
C THR D 4 4.47 13.78 5.18
N LEU D 5 4.29 13.15 6.33
CA LEU D 5 3.52 13.79 7.40
C LEU D 5 4.31 14.00 8.69
N TRP D 6 5.65 14.03 8.59
CA TRP D 6 6.50 14.28 9.77
C TRP D 6 6.37 15.73 10.24
N GLN D 7 6.09 16.63 9.31
CA GLN D 7 5.75 18.02 9.62
C GLN D 7 4.32 18.29 9.18
N ARG D 8 3.76 19.41 9.61
CA ARG D 8 2.43 19.81 9.10
C ARG D 8 2.48 19.97 7.57
N PRO D 9 1.50 19.40 6.85
CA PRO D 9 1.47 19.51 5.39
C PRO D 9 0.95 20.87 4.95
N ILE D 10 1.82 21.86 4.99
CA ILE D 10 1.44 23.24 4.70
C ILE D 10 1.84 23.55 3.26
N VAL D 11 0.89 24.09 2.50
CA VAL D 11 1.17 24.50 1.13
C VAL D 11 0.87 25.97 0.94
N THR D 12 1.39 26.54 -0.14
CA THR D 12 1.06 27.92 -0.50
C THR D 12 -0.19 27.96 -1.37
N ILE D 13 -1.10 28.86 -1.05
CA ILE D 13 -2.30 29.00 -1.87
C ILE D 13 -2.37 30.44 -2.36
N LYS D 14 -3.15 30.68 -3.38
CA LYS D 14 -3.35 32.05 -3.85
C LYS D 14 -4.84 32.26 -3.94
N VAL D 15 -5.32 33.25 -3.19
CA VAL D 15 -6.75 33.52 -3.13
C VAL D 15 -6.97 35.02 -3.06
N GLY D 16 -7.83 35.53 -3.94
CA GLY D 16 -8.07 36.95 -4.08
C GLY D 16 -6.77 37.67 -4.35
N GLY D 17 -5.94 37.09 -5.21
CA GLY D 17 -4.67 37.70 -5.57
C GLY D 17 -3.60 37.69 -4.49
N GLN D 18 -3.91 37.16 -3.31
CA GLN D 18 -2.95 37.15 -2.20
C GLN D 18 -2.34 35.78 -1.99
N LEU D 19 -1.04 35.73 -1.76
CA LEU D 19 -0.37 34.47 -1.38
C LEU D 19 -0.52 34.21 0.10
N LYS D 20 -0.95 33.00 0.47
CA LYS D 20 -1.13 32.63 1.86
C LYS D 20 -0.67 31.18 2.05
N GLU D 21 -0.50 30.77 3.30
CA GLU D 21 -0.20 29.36 3.63
C GLU D 21 -1.47 28.67 4.14
N ALA D 22 -1.60 27.38 3.85
CA ALA D 22 -2.76 26.63 4.34
C ALA D 22 -2.40 25.17 4.62
N LEU D 23 -3.16 24.57 5.52
CA LEU D 23 -2.92 23.21 5.98
C LEU D 23 -3.78 22.21 5.16
N LEU D 24 -3.13 21.24 4.53
CA LEU D 24 -3.88 20.17 3.85
C LEU D 24 -4.48 19.22 4.89
N ASP D 25 -5.80 19.16 4.93
CA ASP D 25 -6.49 18.56 6.05
C ASP D 25 -7.52 17.51 5.62
N THR D 26 -7.13 16.24 5.65
CA THR D 26 -8.07 15.18 5.28
C THR D 26 -9.19 15.01 6.30
N GLY D 27 -9.01 15.53 7.51
CA GLY D 27 -10.05 15.41 8.53
C GLY D 27 -11.10 16.51 8.48
N ALA D 28 -11.04 17.38 7.48
CA ALA D 28 -12.00 18.48 7.32
C ALA D 28 -12.84 18.32 6.05
N ASP D 29 -14.17 18.34 6.20
CA ASP D 29 -15.06 18.23 5.06
C ASP D 29 -14.87 19.41 4.11
N ASP D 30 -14.71 20.58 4.71
CA ASP D 30 -14.69 21.81 3.96
C ASP D 30 -13.46 22.66 4.25
N THR D 31 -13.30 23.68 3.42
CA THR D 31 -12.14 24.57 3.46
C THR D 31 -12.52 25.82 4.26
N VAL D 32 -11.66 26.21 5.19
CA VAL D 32 -11.95 27.33 6.09
C VAL D 32 -10.75 28.26 6.09
N LEU D 33 -10.98 29.54 5.81
CA LEU D 33 -9.90 30.52 5.75
C LEU D 33 -10.07 31.58 6.81
N GLU D 34 -8.95 32.16 7.26
CA GLU D 34 -8.99 33.31 8.14
C GLU D 34 -9.73 34.48 7.49
N ASP D 35 -10.28 35.37 8.33
CA ASP D 35 -10.99 36.53 7.80
C ASP D 35 -10.25 37.23 6.68
N MET D 36 -10.96 37.49 5.60
CA MET D 36 -10.41 38.16 4.43
C MET D 36 -11.57 38.61 3.57
N GLU D 37 -11.30 39.49 2.60
CA GLU D 37 -12.34 39.91 1.68
C GLU D 37 -12.45 38.98 0.49
N LEU D 38 -13.68 38.56 0.19
CA LEU D 38 -13.96 37.77 -1.00
C LEU D 38 -15.14 38.41 -1.72
N PRO D 39 -15.19 38.26 -3.06
CA PRO D 39 -16.25 38.90 -3.83
C PRO D 39 -17.59 38.20 -3.66
N GLY D 40 -18.67 38.90 -4.00
CA GLY D 40 -19.97 38.26 -4.07
C GLY D 40 -20.66 38.16 -2.73
N ARG D 41 -21.74 37.41 -2.70
CA ARG D 41 -22.54 37.25 -1.49
C ARG D 41 -22.09 36.04 -0.69
N TRP D 42 -22.41 36.06 0.61
CA TRP D 42 -22.20 34.91 1.46
C TRP D 42 -23.49 34.43 2.11
N LYS D 43 -23.48 33.20 2.61
CA LYS D 43 -24.62 32.66 3.34
C LYS D 43 -24.15 32.05 4.66
N PRO D 44 -25.06 31.93 5.66
CA PRO D 44 -24.57 31.55 6.98
C PRO D 44 -24.33 30.04 7.08
N ARG D 45 -23.35 29.66 7.89
CA ARG D 45 -23.00 28.27 8.04
C ARG D 45 -22.44 28.08 9.45
N MET D 46 -22.78 26.97 10.08
CA MET D 46 -22.19 26.62 11.37
C MET D 46 -21.38 25.36 11.14
N ILE D 47 -20.11 25.40 11.54
CA ILE D 47 -19.23 24.24 11.39
C ILE D 47 -18.78 23.78 12.77
N GLY D 48 -18.63 22.47 12.92
CA GLY D 48 -18.24 21.90 14.20
C GLY D 48 -16.79 21.46 14.16
N GLY D 49 -16.08 21.68 15.26
CA GLY D 49 -14.70 21.26 15.36
C GLY D 49 -14.53 20.61 16.73
N ILE D 50 -13.29 20.39 17.12
CA ILE D 50 -13.03 19.71 18.36
C ILE D 50 -13.55 20.54 19.54
N GLY D 51 -13.60 21.86 19.38
CA GLY D 51 -13.97 22.69 20.52
C GLY D 51 -15.44 23.06 20.55
N GLY D 52 -16.18 22.58 19.55
CA GLY D 52 -17.58 22.92 19.45
C GLY D 52 -17.91 23.58 18.11
N PHE D 53 -18.96 24.40 18.09
CA PHE D 53 -19.41 24.98 16.83
C PHE D 53 -19.07 26.45 16.69
N VAL D 54 -18.92 26.90 15.44
CA VAL D 54 -18.66 28.32 15.22
C VAL D 54 -19.34 28.84 13.93
N LYS D 55 -19.83 30.08 13.95
CA LYS D 55 -20.49 30.69 12.79
C LYS D 55 -19.42 31.14 11.80
N VAL D 56 -19.62 30.81 10.52
CA VAL D 56 -18.69 31.23 9.50
C VAL D 56 -19.48 31.77 8.31
N ARG D 57 -18.78 32.41 7.38
CA ARG D 57 -19.39 32.95 6.17
C ARG D 57 -19.10 32.01 5.01
N GLN D 58 -20.15 31.53 4.35
CA GLN D 58 -19.94 30.63 3.21
C GLN D 58 -19.97 31.36 1.88
N TYR D 59 -18.85 31.36 1.17
CA TYR D 59 -18.75 31.90 -0.19
C TYR D 59 -18.68 30.75 -1.17
N ASP D 60 -19.55 30.77 -2.18
CA ASP D 60 -19.51 29.70 -3.17
C ASP D 60 -18.75 30.12 -4.43
N GLN D 61 -18.25 29.12 -5.16
CA GLN D 61 -17.62 29.36 -6.47
C GLN D 61 -16.43 30.30 -6.42
N ILE D 62 -15.58 30.14 -5.40
CA ILE D 62 -14.36 30.95 -5.27
C ILE D 62 -13.17 30.24 -5.92
N PRO D 63 -12.44 30.92 -6.84
CA PRO D 63 -11.22 30.32 -7.39
C PRO D 63 -10.03 30.45 -6.43
N ILE D 64 -9.27 29.38 -6.30
CA ILE D 64 -8.05 29.36 -5.49
C ILE D 64 -7.00 28.59 -6.27
N GLU D 65 -5.76 29.08 -6.23
CA GLU D 65 -4.66 28.30 -6.77
C GLU D 65 -3.99 27.57 -5.62
N ILE D 66 -3.84 26.26 -5.73
CA ILE D 66 -3.13 25.51 -4.69
C ILE D 66 -1.96 24.80 -5.37
N CYS D 67 -0.76 25.13 -4.94
CA CYS D 67 0.46 24.66 -5.63
C CYS D 67 0.40 24.89 -7.14
N GLY D 68 -0.03 26.09 -7.52
CA GLY D 68 -0.23 26.41 -8.93
C GLY D 68 -1.16 25.45 -9.67
N HIS D 69 -2.23 25.03 -8.98
CA HIS D 69 -3.32 24.34 -9.65
C HIS D 69 -4.60 25.07 -9.31
N LYS D 70 -5.39 25.44 -10.31
CA LYS D 70 -6.63 26.15 -10.05
C LYS D 70 -7.70 25.20 -9.52
N VAL D 71 -8.38 25.58 -8.45
CA VAL D 71 -9.62 24.90 -8.05
C VAL D 71 -10.68 26.00 -7.91
N ILE D 72 -11.96 25.63 -7.98
CA ILE D 72 -13.04 26.60 -7.80
C ILE D 72 -14.11 25.92 -6.97
N GLY D 73 -14.41 26.45 -5.79
CA GLY D 73 -15.40 25.81 -4.94
C GLY D 73 -15.77 26.63 -3.73
N THR D 74 -16.42 25.97 -2.78
CA THR D 74 -16.92 26.65 -1.58
C THR D 74 -15.78 26.91 -0.60
N VAL D 75 -15.74 28.12 -0.07
CA VAL D 75 -14.74 28.47 0.92
C VAL D 75 -15.48 29.08 2.10
N LEU D 76 -15.12 28.66 3.31
CA LEU D 76 -15.76 29.19 4.51
C LEU D 76 -14.81 30.18 5.17
N VAL D 77 -15.33 31.32 5.63
CA VAL D 77 -14.45 32.32 6.23
C VAL D 77 -14.89 32.57 7.66
N GLY D 78 -13.95 32.48 8.58
CA GLY D 78 -14.28 32.68 9.99
C GLY D 78 -13.08 32.51 10.91
N PRO D 79 -13.35 32.45 12.22
CA PRO D 79 -12.30 32.40 13.26
C PRO D 79 -11.54 31.10 13.27
N THR D 80 -10.28 31.15 12.83
CA THR D 80 -9.41 29.99 12.78
C THR D 80 -7.96 30.46 12.86
N PRO D 81 -7.13 29.73 13.62
CA PRO D 81 -5.70 30.09 13.70
C PRO D 81 -4.96 29.74 12.43
N THR D 82 -5.57 28.90 11.60
CA THR D 82 -4.89 28.47 10.40
C THR D 82 -5.88 28.27 9.25
N ASN D 83 -5.45 28.65 8.05
CA ASN D 83 -6.19 28.34 6.84
C ASN D 83 -6.15 26.82 6.68
N ILE D 84 -7.28 26.24 6.27
CA ILE D 84 -7.43 24.80 6.24
C ILE D 84 -8.02 24.44 4.87
N ILE D 85 -7.34 23.59 4.10
CA ILE D 85 -7.88 23.13 2.83
C ILE D 85 -8.50 21.78 3.11
N GLY D 86 -9.83 21.68 2.98
CA GLY D 86 -10.51 20.43 3.27
C GLY D 86 -10.77 19.55 2.04
N ARG D 87 -11.50 18.47 2.25
CA ARG D 87 -11.67 17.47 1.20
C ARG D 87 -12.38 18.01 -0.02
N ASN D 88 -13.22 19.03 0.15
CA ASN D 88 -13.96 19.57 -0.99
C ASN D 88 -13.00 20.06 -2.07
N LEU D 89 -11.87 20.66 -1.67
CA LEU D 89 -10.91 21.15 -2.64
C LEU D 89 -9.80 20.14 -2.89
N MET D 90 -9.42 19.36 -1.88
CA MET D 90 -8.40 18.33 -2.13
C MET D 90 -8.86 17.32 -3.19
N THR D 91 -10.15 17.00 -3.21
CA THR D 91 -10.65 16.10 -4.26
C THR D 91 -10.54 16.70 -5.66
N GLN D 92 -10.66 18.03 -5.79
CA GLN D 92 -10.45 18.67 -7.09
C GLN D 92 -9.04 18.51 -7.62
N LEU D 93 -8.06 18.37 -6.74
CA LEU D 93 -6.66 18.17 -7.15
C LEU D 93 -6.32 16.69 -7.27
N GLY D 94 -7.24 15.82 -6.86
CA GLY D 94 -7.00 14.39 -6.96
C GLY D 94 -6.09 13.85 -5.88
N PHE D 95 -6.06 14.49 -4.72
CA PHE D 95 -5.27 14.01 -3.59
C PHE D 95 -5.80 12.68 -3.07
N THR D 96 -4.89 11.77 -2.72
CA THR D 96 -5.27 10.56 -2.01
C THR D 96 -4.29 10.31 -0.88
N LEU D 97 -4.72 9.49 0.10
CA LEU D 97 -3.85 8.98 1.15
C LEU D 97 -3.32 7.62 0.69
N ASN D 98 -2.04 7.36 0.92
CA ASN D 98 -1.43 6.12 0.44
C ASN D 98 -0.49 5.54 1.48
N PHE D 99 -0.46 4.23 1.59
CA PHE D 99 0.58 3.61 2.38
C PHE D 99 0.93 2.25 1.78
C1 RIT E . 15.48 -20.59 -10.03
C1 RIT E . 1.82 -22.79 -10.04
C2 RIT E . 14.77 -21.62 -9.45
C2 RIT E . 2.58 -23.49 -10.96
S3 RIT E . 15.56 -22.10 -7.97
S3 RIT E . 1.57 -23.92 -12.33
C4 RIT E . 16.81 -20.92 -8.26
C4 RIT E . 0.22 -23.14 -11.55
N5 RIT E . 16.57 -20.26 -9.36
N5 RIT E . 0.58 -22.64 -10.38
C6 RIT E . 13.47 -22.20 -9.96
C6 RIT E . 4.04 -23.81 -10.85
O7 RIT E . 12.49 -21.58 -9.18
O7 RIT E . 4.69 -22.86 -11.65
C10 RIT E . 11.14 -21.88 -9.32
C10 RIT E . 6.04 -22.61 -11.47
O24 RIT E . 10.79 -22.95 -9.80
O24 RIT E . 6.76 -23.55 -11.18
N11 RIT E . 10.19 -20.79 -9.20
N11 RIT E . 6.47 -21.25 -11.14
C12 RIT E . 8.81 -21.22 -9.24
C12 RIT E . 7.91 -21.12 -11.13
C13 RIT E . 8.01 -20.32 -10.20
C13 RIT E . 8.38 -20.32 -9.89
C14 RIT E . 8.55 -20.37 -11.61
C14 RIT E . 7.96 -20.94 -8.57
C15 RIT E . 7.67 -21.31 -12.61
C15 RIT E . 9.16 -21.72 -7.79
C26 RIT E . 8.21 -21.17 -7.86
C26 RIT E . 8.38 -20.51 -12.44
C28 RIT E . 8.85 -22.25 -6.97
C28 RIT E . 8.00 -21.41 -13.62
C31 RIT E . 9.88 -21.89 -6.10
C31 RIT E . 6.86 -21.12 -14.38
C32 RIT E . 10.48 -22.86 -5.29
C32 RIT E . 6.50 -21.92 -15.45
C33 RIT E . 10.03 -24.18 -5.35
C33 RIT E . 7.28 -23.02 -15.79
C34 RIT E . 9.00 -24.55 -6.20
C34 RIT E . 8.42 -23.33 -15.05
C35 RIT E . 8.41 -23.57 -7.02
C35 RIT E . 8.79 -22.52 -13.97
O41 RIT E . 8.11 -19.04 -9.70
O41 RIT E . 7.81 -19.07 -9.96
C44 RIT E . 7.93 -20.93 -14.15
C44 RIT E . 8.85 -21.87 -6.22
C45 RIT E . 7.55 -22.16 -14.95
C45 RIT E . 9.67 -23.04 -5.68
C48 RIT E . 6.27 -22.24 -15.53
C48 RIT E . 10.83 -22.82 -4.92
C49 RIT E . 5.92 -23.37 -16.25
C49 RIT E . 11.55 -23.91 -4.45
C50 RIT E . 6.85 -24.41 -16.38
C50 RIT E . 11.13 -25.22 -4.72
C51 RIT E . 8.11 -24.33 -15.80
C51 RIT E . 9.98 -25.43 -5.47
C52 RIT E . 8.46 -23.20 -15.07
C52 RIT E . 9.24 -24.34 -5.95
N58 RIT E . 6.16 -21.52 -12.32
N58 RIT E . 10.65 -21.31 -8.03
N20 RIT E . 3.50 -23.20 -12.76
N20 RIT E . 13.63 -21.99 -7.78
C19 RIT E . 4.02 -22.75 -11.46
C19 RIT E . 13.03 -21.47 -9.01
C18 RIT E . 5.55 -22.70 -11.64
C18 RIT E . 11.59 -22.00 -8.94
O61 RIT E . 6.25 -23.63 -11.27
O61 RIT E . 11.27 -22.99 -9.60
C62 RIT E . 3.50 -23.65 -10.36
C62 RIT E . 13.88 -21.89 -10.18
C64 RIT E . 2.01 -23.62 -10.29
C64 RIT E . 15.29 -21.45 -9.95
C68 RIT E . 4.04 -23.22 -9.01
C68 RIT E . 13.37 -21.26 -11.48
C21 RIT E . 2.87 -22.26 -13.70
C21 RIT E . 13.95 -21.14 -6.62
N74 RIT E . 2.39 -22.73 -15.04
N74 RIT E . 14.53 -21.77 -5.42
C75 RIT E . 1.79 -21.78 -15.95
C75 RIT E . 14.86 -20.94 -4.29
O76 RIT E . 2.75 -21.07 -13.40
O76 RIT E . 13.78 -19.91 -6.63
C77 RIT E . 2.78 -21.41 -17.07
C77 RIT E . 13.87 -21.22 -3.18
C80 RIT E . 3.52 -20.23 -17.08
C80 RIT E . 12.68 -20.53 -3.00
S81 RIT E . 4.51 -20.22 -18.56
S81 RIT E . 11.87 -21.23 -1.58
C82 RIT E . 3.88 -21.77 -19.01
C82 RIT E . 13.20 -22.37 -1.35
N83 RIT E . 3.00 -22.19 -18.10
N83 RIT E . 14.09 -22.17 -2.30
C85 RIT E . 4.24 -22.55 -20.26
C85 RIT E . 13.38 -23.42 -0.28
C86 RIT E . 5.57 -22.10 -20.78
C86 RIT E . 12.80 -23.00 1.04
C90 RIT E . 4.31 -24.02 -19.99
C90 RIT E . 12.90 -24.78 -0.71
C95 RIT E . 2.52 -24.11 -15.42
C95 RIT E . 14.76 -23.19 -5.36
C1 RIT F . -14.13 21.99 8.42
C1 RIT F . -5.04 19.75 17.93
C2 RIT F . -14.56 21.60 9.68
C2 RIT F . -4.63 20.37 16.75
S3 RIT F . -16.19 20.97 9.58
S3 RIT F . -3.20 21.35 17.09
C4 RIT F . -16.18 21.29 7.88
C4 RIT F . -3.28 20.85 18.76
N5 RIT F . -15.03 21.82 7.50
N5 RIT F . -4.29 20.04 18.96
C6 RIT F . -13.75 21.63 10.93
C6 RIT F . -5.34 20.20 15.43
O7 RIT F . -13.35 20.29 11.07
O7 RIT F . -6.59 19.62 15.63
C10 RIT F . -12.32 19.96 11.94
C10 RIT F . -7.65 19.95 14.79
O24 RIT F . -12.24 20.56 13.01
O24 RIT F . -8.66 20.40 15.29
N11 RIT F . -11.19 19.19 11.44
N11 RIT F . -7.72 19.34 13.47
C12 RIT F . -10.25 18.83 12.48
C12 RIT F . -8.72 19.94 12.61
C13 RIT F . -8.81 18.98 11.95
C13 RIT F . -9.36 18.82 11.78
C14 RIT F . -8.46 20.41 11.58
C14 RIT F . -9.96 17.73 12.65
C15 RIT F . -7.71 21.23 12.78
C15 RIT F . -11.58 17.84 12.82
C26 RIT F . -10.49 17.41 12.93
C26 RIT F . -8.08 21.03 11.75
C28 RIT F . -11.86 17.28 13.62
C28 RIT F . -7.54 22.18 12.62
C31 RIT F . -12.94 16.83 12.88
C31 RIT F . -6.16 22.32 12.83
C32 RIT F . -14.19 16.72 13.48
C32 RIT F . -5.66 23.35 13.62
C33 RIT F . -14.35 17.04 14.83
C33 RIT F . -6.53 24.26 14.21
C34 RIT F . -13.27 17.49 15.57
C34 RIT F . -7.91 24.13 14.02
C35 RIT F . -12.02 17.61 14.97
C35 RIT F . -8.40 23.08 13.23
O41 RIT F . -8.71 18.20 10.83
O41 RIT F . -8.37 18.23 11.03
C44 RIT F . -6.90 22.51 12.23
C44 RIT F . -12.24 16.44 13.25
C45 RIT F . -6.69 23.39 13.45
C45 RIT F . -13.62 16.70 13.83
C48 RIT F . -5.52 23.28 14.21
C48 RIT F . -14.77 16.41 13.09
C49 RIT F . -5.34 24.09 15.33
C49 RIT F . -16.04 16.65 13.64
C50 RIT F . -6.34 25.00 15.69
C50 RIT F . -16.14 17.17 14.93
C51 RIT F . -7.51 25.11 14.94
C51 RIT F . -14.99 17.46 15.66
C52 RIT F . -7.68 24.31 13.81
C52 RIT F . -13.72 17.22 15.11
N58 RIT F . -6.85 20.41 13.79
N58 RIT F . -12.42 18.54 11.70
N20 RIT F . -5.36 20.31 16.59
N20 RIT F . -15.03 19.78 10.72
C19 RIT F . -6.27 19.28 16.05
C19 RIT F . -13.71 20.37 10.47
C18 RIT F . -7.26 20.07 15.18
C18 RIT F . -12.86 19.95 11.68
O61 RIT F . -8.34 20.42 15.63
O61 RIT F . -12.61 20.75 12.58
C62 RIT F . -6.84 18.44 17.16
C62 RIT F . -13.87 21.87 10.25
C64 RIT F . -5.73 17.71 17.84
C64 RIT F . -14.88 22.14 9.19
C68 RIT F . -7.78 17.41 16.59
C68 RIT F . -12.53 22.48 9.84
C21 RIT F . -4.00 20.56 16.04
C21 RIT F . -15.55 18.61 9.98
N74 RIT F . -3.14 21.64 16.59
N74 RIT F . -16.89 18.09 10.36
C75 RIT F . -1.82 21.85 16.01
C75 RIT F . -17.43 16.94 9.64
O76 RIT F . -3.57 19.88 15.10
O76 RIT F . -14.93 18.08 9.07
C77 RIT F . -1.82 23.03 15.05
C77 RIT F . -17.31 15.69 10.50
C80 RIT F . -1.92 22.87 13.68
C80 RIT F . -16.26 14.81 10.39
S81 RIT F . -1.86 24.48 12.96
S81 RIT F . -16.51 13.49 11.54
C82 RIT F . -1.72 25.23 14.52
C82 RIT F . -17.98 14.23 12.10
N83 RIT F . -1.72 24.29 15.46
N83 RIT F . -18.21 15.35 11.42
C85 RIT F . -1.60 26.71 14.80
C85 RIT F . -18.90 13.68 13.18
C86 RIT F . -2.08 27.50 13.62
C86 RIT F . -18.46 12.29 13.54
C90 RIT F . -2.40 27.12 16.01
C90 RIT F . -18.84 14.53 14.41
C95 RIT F . -3.57 22.47 17.69
C95 RIT F . -17.65 18.70 11.41
#